data_9KHB
#
_entry.id   9KHB
#
_cell.length_a   36.797
_cell.length_b   66.656
_cell.length_c   46.564
_cell.angle_alpha   90.000
_cell.angle_beta   105.177
_cell.angle_gamma   90.000
#
_symmetry.space_group_name_H-M   'P 1 21 1'
#
loop_
_entity.id
_entity.type
_entity.pdbx_description
1 polymer 'Isoform Gamma-A of Fibrinogen gamma chain'
2 non-polymer GLYCEROL
3 non-polymer 'CALCIUM ION'
4 water water
#
_entity_poly.entity_id   1
_entity_poly.type   'polypeptide(L)'
_entity_poly.pdbx_seq_one_letter_code
;YVEFVQIHDITGKDCQDIANKGAKQSGLYFIKPLKANQQFLVYCEIDGSGNGWTVFQKRLDGSVDFKKNWIQYKEGFGHL
SPTGTTEFWLGNEKIHLISTQSAIPYALRVELEDWNGRTSTADYAMFKVGPEADKYRLTYAYFAGGDAGDAFDGFDFGDD
PSDKFFTSHNGMQFSTWDNDNDKFEGNCAEQDGSGWWMNKCHAGHLNGVYYQGGTYSKASTPNGYDNGIIWATWKTRWYS
MKKTTMKIIPFNRLTIGEGQQHHLGGAKQAGDV
;
_entity_poly.pdbx_strand_id   A
#
loop_
_chem_comp.id
_chem_comp.type
_chem_comp.name
_chem_comp.formula
CA non-polymer 'CALCIUM ION' 'Ca 2'
GOL non-polymer GLYCEROL 'C3 H8 O3'
#
# COMPACT_ATOMS: atom_id res chain seq x y z
N ILE A 7 20.03 11.23 6.89
CA ILE A 7 18.72 11.50 7.58
C ILE A 7 18.62 12.97 7.93
N HIS A 8 17.48 13.57 7.59
CA HIS A 8 17.26 14.98 7.85
C HIS A 8 16.96 15.29 9.32
N ASP A 9 17.15 16.56 9.70
CA ASP A 9 17.06 17.01 11.08
C ASP A 9 15.63 17.31 11.54
N ILE A 10 14.80 17.89 10.66
CA ILE A 10 13.46 18.28 11.06
C ILE A 10 12.68 17.00 11.34
N THR A 11 11.83 17.01 12.37
CA THR A 11 10.99 15.87 12.73
C THR A 11 9.57 16.35 12.94
N GLY A 12 8.69 15.40 13.16
CA GLY A 12 7.31 15.72 13.44
C GLY A 12 6.50 14.45 13.50
N LYS A 13 5.18 14.65 13.43
N LYS A 13 5.17 14.60 13.47
CA LYS A 13 4.23 13.56 13.61
CA LYS A 13 4.29 13.45 13.64
C LYS A 13 4.05 12.73 12.34
C LYS A 13 4.05 12.70 12.32
N ASP A 14 4.36 13.35 11.20
CA ASP A 14 4.21 12.75 9.88
C ASP A 14 4.98 13.67 8.94
N CYS A 15 5.04 13.31 7.65
CA CYS A 15 5.81 14.08 6.70
C CYS A 15 5.19 15.43 6.38
N GLN A 16 3.88 15.58 6.62
CA GLN A 16 3.26 16.89 6.39
C GLN A 16 3.66 17.85 7.50
N ASP A 17 3.69 17.38 8.74
CA ASP A 17 4.19 18.20 9.85
C ASP A 17 5.61 18.67 9.53
N ILE A 18 6.44 17.76 9.02
CA ILE A 18 7.80 18.05 8.64
C ILE A 18 7.84 19.11 7.56
N ALA A 19 7.04 18.98 6.51
CA ALA A 19 6.95 20.00 5.48
C ALA A 19 6.50 21.34 6.07
N ASN A 20 5.55 21.28 7.01
CA ASN A 20 5.00 22.49 7.62
C ASN A 20 6.04 23.20 8.45
N LYS A 21 7.09 22.50 8.86
CA LYS A 21 8.16 23.09 9.65
C LYS A 21 9.34 23.52 8.77
N GLY A 22 9.16 23.49 7.46
CA GLY A 22 10.08 24.12 6.51
C GLY A 22 10.95 23.12 5.75
N ALA A 23 10.75 21.81 5.91
CA ALA A 23 11.50 20.85 5.12
C ALA A 23 11.01 20.93 3.69
N LYS A 24 11.92 20.94 2.72
CA LYS A 24 11.54 21.04 1.31
C LYS A 24 12.05 19.85 0.49
N GLN A 25 12.94 19.04 1.05
CA GLN A 25 13.56 17.97 0.27
C GLN A 25 12.98 16.59 0.59
N SER A 26 12.60 15.87 -0.46
CA SER A 26 12.25 14.47 -0.28
C SER A 26 13.45 13.74 0.30
N GLY A 27 13.19 12.70 1.08
CA GLY A 27 14.25 11.94 1.68
C GLY A 27 13.82 11.29 2.96
N LEU A 28 14.79 10.88 3.76
CA LEU A 28 14.54 10.16 4.98
C LEU A 28 14.49 11.10 6.17
N TYR A 29 13.47 10.90 7.00
CA TYR A 29 13.25 11.69 8.19
C TYR A 29 12.78 10.78 9.29
N PHE A 30 13.02 11.14 10.56
CA PHE A 30 12.37 10.51 11.66
C PHE A 30 11.01 11.18 11.90
N ILE A 31 10.02 10.36 12.18
CA ILE A 31 8.75 10.85 12.70
C ILE A 31 8.43 10.11 13.98
N LYS A 32 7.52 10.69 14.75
N LYS A 32 7.54 10.71 14.75
CA LYS A 32 7.05 10.03 15.97
CA LYS A 32 7.06 10.08 15.96
C LYS A 32 5.58 10.37 16.21
C LYS A 32 5.60 10.45 16.11
N PRO A 33 4.70 9.59 15.60
CA PRO A 33 3.27 9.79 15.75
C PRO A 33 2.91 9.70 17.22
N LEU A 34 1.73 10.22 17.52
CA LEU A 34 1.21 10.05 18.89
C LEU A 34 1.14 8.54 19.15
N LYS A 35 1.50 8.13 20.34
CA LYS A 35 1.32 6.73 20.73
C LYS A 35 2.50 5.88 20.26
N ALA A 36 3.39 6.39 19.41
CA ALA A 36 4.57 5.54 19.05
C ALA A 36 5.50 5.47 20.26
N ASN A 37 6.06 4.30 20.50
CA ASN A 37 6.97 4.11 21.61
C ASN A 37 8.31 4.79 21.34
N GLN A 38 8.68 4.89 20.07
N GLN A 38 8.70 4.80 20.07
CA GLN A 38 9.94 5.49 19.69
CA GLN A 38 9.95 5.37 19.61
C GLN A 38 9.79 5.98 18.26
C GLN A 38 9.67 6.07 18.30
N GLN A 39 10.53 7.04 17.96
CA GLN A 39 10.59 7.56 16.62
C GLN A 39 11.02 6.46 15.65
N PHE A 40 10.73 6.68 14.37
CA PHE A 40 11.13 5.74 13.34
C PHE A 40 11.33 6.48 12.04
N LEU A 41 12.17 5.91 11.18
N LEU A 41 12.14 5.89 11.17
CA LEU A 41 12.47 6.50 9.89
CA LEU A 41 12.47 6.48 9.89
C LEU A 41 11.33 6.25 8.90
C LEU A 41 11.33 6.25 8.89
N VAL A 42 11.11 7.27 8.07
CA VAL A 42 10.21 7.18 6.94
C VAL A 42 10.84 7.89 5.76
N TYR A 43 10.36 7.54 4.56
CA TYR A 43 10.59 8.33 3.37
C TYR A 43 9.44 9.32 3.20
N CYS A 44 9.83 10.58 3.17
CA CYS A 44 8.90 11.67 2.89
C CYS A 44 9.10 12.16 1.46
N GLU A 45 7.99 12.24 0.72
CA GLU A 45 8.00 12.90 -0.55
C GLU A 45 7.44 14.30 -0.36
N ILE A 46 8.26 15.32 -0.60
CA ILE A 46 7.86 16.72 -0.35
C ILE A 46 7.89 17.39 -1.71
N ASP A 47 6.74 17.90 -2.14
CA ASP A 47 6.65 18.55 -3.44
C ASP A 47 6.92 20.05 -3.31
N GLY A 48 6.79 20.78 -4.43
CA GLY A 48 7.07 22.20 -4.47
C GLY A 48 5.95 23.08 -3.90
N SER A 49 4.84 22.45 -3.51
CA SER A 49 3.67 23.13 -2.97
C SER A 49 3.50 22.89 -1.47
N GLY A 50 4.56 22.37 -0.82
CA GLY A 50 4.56 22.16 0.61
C GLY A 50 3.79 20.91 1.05
N ASN A 51 3.43 20.05 0.11
CA ASN A 51 2.79 18.79 0.48
C ASN A 51 3.87 17.77 0.86
N GLY A 52 3.70 17.17 2.03
CA GLY A 52 4.63 16.16 2.50
C GLY A 52 3.90 14.82 2.68
N TRP A 53 4.13 13.90 1.76
CA TRP A 53 3.54 12.58 1.77
C TRP A 53 4.43 11.64 2.55
N THR A 54 3.81 10.80 3.37
CA THR A 54 4.52 9.76 4.09
C THR A 54 4.32 8.44 3.35
N VAL A 55 5.41 7.91 2.80
CA VAL A 55 5.30 6.73 1.95
C VAL A 55 5.35 5.49 2.82
N PHE A 56 4.40 4.56 2.64
CA PHE A 56 4.44 3.33 3.41
C PHE A 56 4.64 2.06 2.59
N GLN A 57 4.57 2.14 1.27
CA GLN A 57 4.88 1.00 0.41
C GLN A 57 5.50 1.52 -0.84
N LYS A 58 6.51 0.81 -1.34
N LYS A 58 6.50 0.77 -1.32
CA LYS A 58 7.10 1.13 -2.62
CA LYS A 58 7.17 1.05 -2.57
C LYS A 58 7.54 -0.17 -3.28
C LYS A 58 7.50 -0.26 -3.27
N ARG A 59 7.15 -0.31 -4.55
CA ARG A 59 7.64 -1.35 -5.47
C ARG A 59 8.26 -0.64 -6.65
N LEU A 60 9.35 -1.20 -7.21
CA LEU A 60 9.96 -0.58 -8.37
C LEU A 60 10.96 -1.48 -9.10
N ASP A 61 11.32 -2.66 -8.59
CA ASP A 61 12.37 -3.42 -9.26
C ASP A 61 12.41 -4.91 -8.91
N GLY A 62 11.58 -5.43 -8.02
CA GLY A 62 11.64 -6.85 -7.74
C GLY A 62 12.75 -7.23 -6.75
N SER A 63 13.39 -6.26 -6.10
CA SER A 63 14.50 -6.52 -5.19
C SER A 63 14.10 -7.14 -3.87
N VAL A 64 12.84 -7.00 -3.43
CA VAL A 64 12.41 -7.46 -2.13
C VAL A 64 11.28 -8.49 -2.32
N ASP A 65 11.37 -9.62 -1.63
CA ASP A 65 10.31 -10.61 -1.66
C ASP A 65 9.21 -10.15 -0.70
N PHE A 66 8.00 -9.99 -1.21
CA PHE A 66 6.86 -9.57 -0.39
C PHE A 66 6.13 -10.75 0.24
N LYS A 67 6.63 -11.98 0.05
CA LYS A 67 6.10 -13.10 0.81
C LYS A 67 6.78 -13.09 2.18
N LYS A 68 6.18 -12.33 3.10
CA LYS A 68 6.73 -12.10 4.44
C LYS A 68 5.63 -12.47 5.43
N ASN A 69 6.04 -12.71 6.67
CA ASN A 69 5.10 -13.25 7.67
C ASN A 69 4.43 -12.11 8.46
N TRP A 70 3.58 -12.47 9.40
CA TRP A 70 2.80 -11.50 10.16
C TRP A 70 3.70 -10.49 10.88
N ILE A 71 4.72 -10.98 11.59
CA ILE A 71 5.59 -10.09 12.34
C ILE A 71 6.36 -9.17 11.41
N GLN A 72 6.81 -9.70 10.27
CA GLN A 72 7.56 -8.89 9.32
C GLN A 72 6.68 -7.80 8.72
N TYR A 73 5.43 -8.14 8.36
CA TYR A 73 4.49 -7.12 7.90
C TYR A 73 4.15 -6.13 9.02
N LYS A 74 4.10 -6.60 10.27
CA LYS A 74 3.84 -5.71 11.39
C LYS A 74 4.94 -4.69 11.56
N GLU A 75 6.19 -5.15 11.53
CA GLU A 75 7.35 -4.34 11.88
C GLU A 75 7.96 -3.58 10.71
N GLY A 76 7.71 -4.06 9.50
CA GLY A 76 8.26 -3.46 8.31
C GLY A 76 9.43 -4.27 7.77
N PHE A 77 9.63 -4.18 6.46
CA PHE A 77 10.74 -4.88 5.84
C PHE A 77 11.13 -4.13 4.58
N GLY A 78 12.26 -4.52 4.00
CA GLY A 78 12.80 -3.89 2.82
C GLY A 78 13.80 -2.82 3.23
N HIS A 79 13.96 -1.84 2.33
N HIS A 79 14.14 -1.91 2.33
CA HIS A 79 15.06 -0.90 2.38
CA HIS A 79 15.09 -0.88 2.71
C HIS A 79 14.58 0.53 2.21
C HIS A 79 14.51 0.48 2.35
N LEU A 80 14.92 1.45 3.15
CA LEU A 80 14.67 2.86 2.94
C LEU A 80 15.89 3.51 2.31
N SER A 81 15.66 4.45 1.42
CA SER A 81 16.75 5.14 0.73
C SER A 81 16.43 6.62 0.65
N PRO A 82 17.46 7.48 0.75
CA PRO A 82 17.24 8.92 0.57
C PRO A 82 16.68 9.30 -0.78
N THR A 83 17.02 8.51 -1.80
CA THR A 83 16.62 8.76 -3.17
C THR A 83 15.26 8.20 -3.53
N GLY A 84 14.65 7.44 -2.63
CA GLY A 84 13.33 6.89 -2.94
C GLY A 84 13.38 5.86 -4.07
N THR A 85 14.45 5.05 -4.08
CA THR A 85 14.73 4.14 -5.17
C THR A 85 14.78 2.69 -4.69
N THR A 86 14.17 2.41 -3.54
CA THR A 86 14.18 1.07 -2.94
C THR A 86 12.77 0.62 -2.58
N GLU A 87 12.62 -0.69 -2.48
CA GLU A 87 11.35 -1.31 -2.13
C GLU A 87 11.22 -1.53 -0.64
N PHE A 88 10.01 -1.34 -0.10
CA PHE A 88 9.77 -1.55 1.31
C PHE A 88 8.29 -1.62 1.60
N TRP A 89 8.02 -2.20 2.78
CA TRP A 89 6.73 -2.09 3.46
C TRP A 89 7.06 -1.46 4.80
N LEU A 90 6.47 -0.31 5.12
CA LEU A 90 6.89 0.43 6.33
C LEU A 90 6.64 -0.36 7.60
N GLY A 91 5.52 -1.10 7.65
CA GLY A 91 5.13 -1.81 8.84
C GLY A 91 3.72 -1.42 9.26
N ASN A 92 2.89 -2.44 9.47
CA ASN A 92 1.50 -2.21 9.81
C ASN A 92 1.37 -1.43 11.12
N GLU A 93 2.21 -1.72 12.10
CA GLU A 93 2.09 -0.97 13.36
C GLU A 93 2.36 0.52 13.09
N LYS A 94 3.41 0.84 12.36
CA LYS A 94 3.70 2.24 12.03
C LYS A 94 2.55 2.85 11.23
N ILE A 95 2.02 2.11 10.26
CA ILE A 95 0.94 2.69 9.40
C ILE A 95 -0.28 2.96 10.30
N HIS A 96 -0.61 2.02 11.19
CA HIS A 96 -1.69 2.24 12.15
C HIS A 96 -1.45 3.50 12.97
N LEU A 97 -0.24 3.63 13.53
CA LEU A 97 0.06 4.77 14.40
C LEU A 97 -0.05 6.09 13.68
N ILE A 98 0.45 6.16 12.45
CA ILE A 98 0.40 7.41 11.71
C ILE A 98 -1.07 7.74 11.39
N SER A 99 -1.77 6.76 10.80
CA SER A 99 -3.04 7.03 10.16
C SER A 99 -4.17 7.25 11.16
N THR A 100 -3.97 6.91 12.43
CA THR A 100 -5.01 7.10 13.43
C THR A 100 -4.66 8.18 14.44
N GLN A 101 -3.49 8.77 14.40
CA GLN A 101 -3.09 9.67 15.47
C GLN A 101 -3.99 10.91 15.50
N SER A 102 -4.48 11.21 16.70
CA SER A 102 -5.23 12.41 16.99
C SER A 102 -6.44 12.55 16.07
N ALA A 103 -6.94 11.43 15.56
CA ALA A 103 -8.04 11.40 14.61
C ALA A 103 -7.81 12.36 13.43
N ILE A 104 -6.56 12.59 13.03
CA ILE A 104 -6.28 13.38 11.86
C ILE A 104 -6.80 12.61 10.66
N PRO A 105 -7.57 13.25 9.78
CA PRO A 105 -8.03 12.57 8.59
C PRO A 105 -6.89 12.56 7.58
N TYR A 106 -6.48 11.37 7.16
CA TYR A 106 -5.50 11.21 6.11
C TYR A 106 -6.17 10.75 4.80
N ALA A 107 -5.58 11.13 3.70
CA ALA A 107 -5.85 10.53 2.41
C ALA A 107 -4.75 9.51 2.11
N LEU A 108 -5.16 8.42 1.45
CA LEU A 108 -4.20 7.48 0.83
C LEU A 108 -4.15 7.80 -0.65
N ARG A 109 -2.95 7.90 -1.22
CA ARG A 109 -2.79 7.94 -2.67
C ARG A 109 -2.07 6.65 -3.06
N VAL A 110 -2.67 5.92 -3.98
CA VAL A 110 -2.04 4.78 -4.64
C VAL A 110 -1.52 5.33 -5.98
N GLU A 111 -0.26 5.18 -6.27
N GLU A 111 -0.24 5.21 -6.27
CA GLU A 111 0.34 5.65 -7.51
CA GLU A 111 0.33 5.66 -7.54
C GLU A 111 0.93 4.44 -8.22
C GLU A 111 0.95 4.46 -8.22
N LEU A 112 0.51 4.20 -9.46
CA LEU A 112 0.92 3.03 -10.20
C LEU A 112 1.67 3.45 -11.45
N GLU A 113 2.74 2.75 -11.80
CA GLU A 113 3.43 2.99 -13.06
C GLU A 113 3.44 1.67 -13.83
N ASP A 114 3.06 1.76 -15.10
CA ASP A 114 3.12 0.60 -15.98
C ASP A 114 4.50 0.52 -16.64
N TRP A 115 4.68 -0.51 -17.48
CA TRP A 115 6.01 -0.77 -18.10
C TRP A 115 6.23 0.14 -19.32
N ASN A 116 5.27 1.00 -19.64
CA ASN A 116 5.39 2.01 -20.70
C ASN A 116 5.69 3.41 -20.14
N GLY A 117 5.73 3.59 -18.82
CA GLY A 117 6.10 4.89 -18.25
C GLY A 117 4.89 5.78 -17.94
N ARG A 118 3.70 5.20 -17.99
CA ARG A 118 2.50 5.95 -17.60
C ARG A 118 2.24 5.76 -16.11
N THR A 119 1.99 6.81 -15.39
N THR A 119 1.94 6.86 -15.43
CA THR A 119 1.55 6.74 -14.00
CA THR A 119 1.53 6.79 -14.03
C THR A 119 0.08 7.10 -13.91
C THR A 119 0.06 7.20 -13.89
N SER A 120 -0.64 6.39 -13.04
CA SER A 120 -2.02 6.67 -12.69
C SER A 120 -2.15 6.70 -11.17
N THR A 121 -3.25 7.27 -10.69
CA THR A 121 -3.46 7.37 -9.24
C THR A 121 -4.88 7.01 -8.87
N ALA A 122 -5.01 6.59 -7.60
CA ALA A 122 -6.31 6.38 -6.96
C ALA A 122 -6.21 6.90 -5.54
N ASP A 123 -7.11 7.80 -5.16
CA ASP A 123 -7.09 8.43 -3.86
C ASP A 123 -8.26 7.94 -3.02
N TYR A 124 -8.00 7.72 -1.72
CA TYR A 124 -8.98 7.27 -0.77
C TYR A 124 -9.02 8.24 0.40
N ALA A 125 -10.21 8.75 0.69
CA ALA A 125 -10.39 9.73 1.75
C ALA A 125 -10.57 9.06 3.08
N MET A 126 -9.96 9.63 4.12
CA MET A 126 -10.14 9.21 5.50
C MET A 126 -9.70 7.76 5.65
N PHE A 127 -8.51 7.46 5.12
CA PHE A 127 -7.86 6.17 5.19
C PHE A 127 -7.28 5.89 6.57
N LYS A 128 -7.58 4.73 7.12
CA LYS A 128 -7.10 4.30 8.42
C LYS A 128 -6.74 2.82 8.38
N VAL A 129 -5.75 2.46 9.19
CA VAL A 129 -5.44 1.08 9.48
C VAL A 129 -5.62 0.92 10.99
N GLY A 130 -6.41 -0.06 11.40
CA GLY A 130 -6.71 -0.32 12.78
C GLY A 130 -5.57 -1.00 13.51
N PRO A 131 -5.77 -1.27 14.81
CA PRO A 131 -4.72 -1.84 15.63
C PRO A 131 -4.56 -3.33 15.37
N GLU A 132 -3.49 -3.89 15.92
CA GLU A 132 -3.23 -5.32 15.75
C GLU A 132 -4.38 -6.16 16.31
N ALA A 133 -5.04 -5.70 17.38
CA ALA A 133 -6.16 -6.41 17.96
C ALA A 133 -7.29 -6.62 16.95
N ASP A 134 -7.37 -5.77 15.93
CA ASP A 134 -8.36 -5.90 14.88
C ASP A 134 -7.68 -6.26 13.55
N LYS A 135 -6.51 -6.89 13.66
CA LYS A 135 -5.76 -7.40 12.52
C LYS A 135 -5.52 -6.30 11.50
N TYR A 136 -5.21 -5.09 11.95
CA TYR A 136 -4.77 -4.04 11.06
C TYR A 136 -5.79 -3.76 9.96
N ARG A 137 -7.06 -3.73 10.32
CA ARG A 137 -8.13 -3.57 9.35
C ARG A 137 -8.00 -2.25 8.60
N LEU A 138 -8.17 -2.31 7.26
N LEU A 138 -8.30 -2.31 7.29
CA LEU A 138 -8.22 -1.13 6.42
CA LEU A 138 -8.31 -1.16 6.41
C LEU A 138 -9.64 -0.58 6.44
C LEU A 138 -9.70 -0.55 6.32
N THR A 139 -9.78 0.76 6.50
CA THR A 139 -11.04 1.45 6.24
C THR A 139 -10.79 2.77 5.53
N TYR A 140 -11.78 3.23 4.75
CA TYR A 140 -11.77 4.57 4.19
C TYR A 140 -13.21 5.03 4.10
N ALA A 141 -13.38 6.34 3.99
CA ALA A 141 -14.72 6.93 3.89
C ALA A 141 -15.25 6.88 2.47
N TYR A 142 -14.43 7.21 1.47
CA TYR A 142 -14.89 7.23 0.09
C TYR A 142 -13.68 7.23 -0.83
N PHE A 143 -13.91 6.75 -2.05
CA PHE A 143 -12.96 6.92 -3.14
C PHE A 143 -13.01 8.35 -3.63
N ALA A 144 -11.87 9.04 -3.60
CA ALA A 144 -11.80 10.45 -3.94
C ALA A 144 -11.31 10.69 -5.36
N GLY A 145 -11.19 9.66 -6.18
CA GLY A 145 -10.95 9.88 -7.58
C GLY A 145 -9.57 9.42 -8.02
N GLY A 146 -9.40 9.41 -9.32
CA GLY A 146 -8.10 9.16 -9.94
C GLY A 146 -8.26 8.21 -11.12
N ASP A 147 -7.37 8.37 -12.08
CA ASP A 147 -7.44 7.63 -13.33
C ASP A 147 -7.12 6.15 -13.19
N ALA A 148 -6.54 5.71 -12.07
CA ALA A 148 -6.35 4.27 -11.86
C ALA A 148 -7.67 3.57 -11.55
N GLY A 149 -8.70 4.33 -11.16
CA GLY A 149 -9.96 3.75 -10.81
C GLY A 149 -9.99 3.14 -9.40
N ASP A 150 -11.19 2.76 -8.98
CA ASP A 150 -11.44 2.38 -7.62
C ASP A 150 -11.39 0.86 -7.41
N ALA A 151 -10.18 0.29 -7.42
CA ALA A 151 -10.07 -1.15 -7.29
C ALA A 151 -10.50 -1.63 -5.91
N PHE A 152 -10.37 -0.76 -4.90
CA PHE A 152 -10.79 -1.17 -3.58
C PHE A 152 -12.31 -1.38 -3.47
N ASP A 153 -13.08 -0.93 -4.45
CA ASP A 153 -14.51 -1.18 -4.44
C ASP A 153 -14.81 -2.63 -4.86
N GLY A 154 -13.82 -3.40 -5.30
CA GLY A 154 -14.05 -4.72 -5.87
C GLY A 154 -14.26 -4.61 -7.38
N PHE A 155 -14.15 -5.74 -8.05
CA PHE A 155 -14.21 -5.73 -9.51
C PHE A 155 -14.91 -6.99 -10.01
N ASP A 156 -15.67 -6.83 -11.09
CA ASP A 156 -16.33 -7.93 -11.74
C ASP A 156 -15.39 -8.54 -12.79
N PHE A 157 -14.79 -9.68 -12.45
CA PHE A 157 -13.86 -10.36 -13.34
C PHE A 157 -14.59 -11.29 -14.31
N GLY A 158 -15.91 -11.40 -14.15
CA GLY A 158 -16.69 -12.28 -15.01
C GLY A 158 -16.55 -13.75 -14.62
N ASP A 159 -16.09 -14.03 -13.40
CA ASP A 159 -15.87 -15.39 -12.95
C ASP A 159 -17.01 -15.94 -12.12
N ASP A 160 -17.55 -15.14 -11.22
CA ASP A 160 -18.62 -15.53 -10.33
C ASP A 160 -19.56 -14.36 -10.28
N PRO A 161 -20.88 -14.59 -10.15
CA PRO A 161 -21.79 -13.46 -10.01
C PRO A 161 -21.41 -12.51 -8.89
N SER A 162 -20.76 -13.05 -7.84
CA SER A 162 -20.45 -12.26 -6.66
C SER A 162 -19.03 -11.71 -6.64
N ASP A 163 -18.38 -11.66 -7.80
CA ASP A 163 -17.00 -11.22 -7.85
C ASP A 163 -16.76 -9.89 -7.12
N LYS A 164 -17.62 -8.90 -7.31
CA LYS A 164 -17.37 -7.61 -6.69
C LYS A 164 -17.39 -7.73 -5.16
N PHE A 165 -18.35 -8.49 -4.60
CA PHE A 165 -18.43 -8.72 -3.16
C PHE A 165 -17.20 -9.47 -2.66
N PHE A 166 -16.65 -10.35 -3.50
CA PHE A 166 -15.51 -11.17 -3.15
C PHE A 166 -14.20 -10.39 -3.21
N THR A 167 -14.16 -9.26 -3.89
CA THR A 167 -12.88 -8.66 -4.20
C THR A 167 -12.76 -7.22 -3.74
N SER A 168 -13.75 -6.73 -2.97
CA SER A 168 -13.66 -5.41 -2.38
C SER A 168 -12.70 -5.43 -1.18
N HIS A 169 -12.19 -4.24 -0.83
CA HIS A 169 -11.16 -4.18 0.20
C HIS A 169 -11.51 -3.33 1.41
N ASN A 170 -12.52 -2.46 1.32
CA ASN A 170 -12.85 -1.64 2.49
C ASN A 170 -13.32 -2.55 3.60
N GLY A 171 -12.78 -2.36 4.79
CA GLY A 171 -13.17 -3.14 5.94
C GLY A 171 -12.47 -4.49 6.04
N MET A 172 -11.53 -4.82 5.15
CA MET A 172 -10.83 -6.08 5.24
C MET A 172 -9.73 -6.01 6.29
N GLN A 173 -9.59 -7.08 7.07
CA GLN A 173 -8.44 -7.28 7.92
C GLN A 173 -7.21 -7.60 7.07
N PHE A 174 -6.03 -7.48 7.65
CA PHE A 174 -4.80 -7.83 6.99
C PHE A 174 -4.56 -9.33 7.17
N SER A 175 -3.98 -9.95 6.14
CA SER A 175 -3.62 -11.36 6.16
C SER A 175 -2.19 -11.55 5.69
N THR A 176 -1.52 -12.52 6.33
CA THR A 176 -0.26 -13.08 5.86
C THR A 176 -0.40 -14.59 5.85
N TRP A 177 0.60 -15.29 5.31
CA TRP A 177 0.45 -16.72 5.18
C TRP A 177 0.25 -17.41 6.52
N ASP A 178 0.85 -16.85 7.56
CA ASP A 178 0.80 -17.40 8.93
C ASP A 178 -0.25 -16.71 9.81
N ASN A 179 -1.12 -15.90 9.19
CA ASN A 179 -2.18 -15.25 9.94
C ASN A 179 -3.28 -14.87 8.96
N ASP A 180 -4.15 -15.82 8.69
CA ASP A 180 -5.20 -15.72 7.70
C ASP A 180 -6.45 -15.08 8.32
N ASN A 181 -6.80 -13.87 7.85
CA ASN A 181 -7.95 -13.15 8.34
C ASN A 181 -8.85 -12.75 7.18
N ASP A 182 -8.80 -13.51 6.08
CA ASP A 182 -9.50 -13.18 4.86
C ASP A 182 -10.93 -13.75 4.90
N LYS A 183 -11.67 -13.55 3.81
CA LYS A 183 -13.05 -14.01 3.70
C LYS A 183 -13.13 -15.25 2.81
N PHE A 184 -12.04 -15.98 2.68
CA PHE A 184 -11.91 -17.14 1.82
C PHE A 184 -11.76 -18.41 2.64
N GLU A 185 -12.33 -19.51 2.16
N GLU A 185 -12.34 -19.49 2.12
CA GLU A 185 -12.14 -20.80 2.81
CA GLU A 185 -12.19 -20.82 2.68
C GLU A 185 -10.70 -21.31 2.65
C GLU A 185 -10.73 -21.28 2.65
N GLY A 186 -9.99 -20.83 1.62
CA GLY A 186 -8.58 -21.05 1.51
C GLY A 186 -7.82 -19.89 2.15
N ASN A 187 -6.54 -19.79 1.79
CA ASN A 187 -5.65 -18.81 2.40
C ASN A 187 -5.07 -17.93 1.30
N CYS A 188 -5.69 -16.77 1.10
CA CYS A 188 -5.30 -15.89 0.01
C CYS A 188 -3.81 -15.51 0.09
N ALA A 189 -3.34 -15.15 1.28
CA ALA A 189 -1.97 -14.71 1.45
C ALA A 189 -0.97 -15.81 1.14
N GLU A 190 -1.28 -17.03 1.57
N GLU A 190 -1.28 -17.03 1.56
CA GLU A 190 -0.41 -18.17 1.28
CA GLU A 190 -0.40 -18.14 1.27
C GLU A 190 -0.43 -18.48 -0.22
C GLU A 190 -0.43 -18.48 -0.22
N GLN A 191 -1.62 -18.45 -0.81
CA GLN A 191 -1.78 -18.75 -2.23
C GLN A 191 -0.94 -17.82 -3.08
N ASP A 192 -1.10 -16.51 -2.85
CA ASP A 192 -0.39 -15.53 -3.66
C ASP A 192 1.05 -15.35 -3.22
N GLY A 193 1.32 -15.59 -1.96
CA GLY A 193 2.62 -15.33 -1.36
C GLY A 193 2.83 -13.85 -1.05
N SER A 194 1.96 -13.27 -0.23
CA SER A 194 2.02 -11.84 0.02
C SER A 194 1.36 -11.57 1.37
N GLY A 195 1.42 -10.31 1.80
CA GLY A 195 0.58 -9.81 2.88
C GLY A 195 -0.30 -8.71 2.32
N TRP A 196 -1.58 -8.76 2.65
CA TRP A 196 -2.49 -7.76 2.11
C TRP A 196 -3.81 -7.81 2.85
N TRP A 197 -4.65 -6.80 2.60
CA TRP A 197 -6.05 -6.77 3.04
C TRP A 197 -6.88 -7.62 2.07
N MET A 198 -6.78 -8.92 2.24
CA MET A 198 -7.39 -9.90 1.36
C MET A 198 -8.87 -10.08 1.72
N ASN A 199 -9.67 -10.28 0.67
CA ASN A 199 -11.08 -10.62 0.79
C ASN A 199 -11.22 -12.08 0.33
N LYS A 200 -11.58 -12.28 -0.94
CA LYS A 200 -11.64 -13.63 -1.52
C LYS A 200 -11.39 -13.53 -3.03
N CYS A 201 -10.23 -13.01 -3.49
CA CYS A 201 -9.11 -12.52 -2.70
C CYS A 201 -8.90 -11.03 -2.90
N HIS A 202 -8.97 -10.52 -4.14
CA HIS A 202 -8.52 -9.15 -4.35
C HIS A 202 -8.95 -8.62 -5.71
N ALA A 203 -9.13 -7.30 -5.77
CA ALA A 203 -9.19 -6.54 -7.01
C ALA A 203 -8.01 -5.60 -7.17
N GLY A 204 -7.44 -5.16 -6.05
CA GLY A 204 -6.23 -4.35 -6.08
C GLY A 204 -5.27 -4.94 -5.10
N HIS A 205 -4.07 -5.30 -5.54
CA HIS A 205 -3.16 -6.09 -4.71
C HIS A 205 -1.74 -5.71 -5.08
N LEU A 206 -1.17 -4.78 -4.31
CA LEU A 206 0.11 -4.17 -4.70
C LEU A 206 1.32 -4.86 -4.11
N ASN A 207 1.08 -5.89 -3.29
CA ASN A 207 2.15 -6.64 -2.64
C ASN A 207 2.39 -8.00 -3.31
N GLY A 208 1.92 -8.16 -4.54
CA GLY A 208 2.07 -9.42 -5.27
C GLY A 208 3.46 -9.59 -5.88
N VAL A 209 3.56 -10.62 -6.73
CA VAL A 209 4.81 -11.03 -7.32
C VAL A 209 5.21 -10.05 -8.42
N TYR A 210 6.51 -9.72 -8.44
CA TYR A 210 7.04 -8.79 -9.43
C TYR A 210 7.32 -9.53 -10.75
N TYR A 211 6.35 -9.49 -11.66
CA TYR A 211 6.48 -10.04 -12.98
C TYR A 211 7.15 -9.00 -13.87
N GLN A 212 8.31 -9.43 -14.42
N GLN A 212 8.36 -9.30 -14.36
CA GLN A 212 9.07 -8.58 -15.32
CA GLN A 212 9.06 -8.35 -15.21
C GLN A 212 8.28 -8.25 -16.59
C GLN A 212 8.37 -8.25 -16.56
N GLY A 213 8.26 -7.00 -17.04
CA GLY A 213 7.61 -6.64 -18.29
C GLY A 213 6.08 -6.51 -18.21
N GLY A 214 5.50 -6.75 -17.04
CA GLY A 214 4.07 -6.50 -16.82
C GLY A 214 3.22 -7.71 -17.17
N THR A 215 3.24 -8.13 -18.42
CA THR A 215 2.37 -9.19 -18.88
C THR A 215 2.74 -10.52 -18.25
N TYR A 216 1.72 -11.22 -17.76
CA TYR A 216 1.84 -12.59 -17.34
C TYR A 216 0.51 -13.26 -17.69
N SER A 217 0.34 -14.50 -17.26
N SER A 217 0.33 -14.54 -17.37
CA SER A 217 -0.79 -15.28 -17.70
CA SER A 217 -0.95 -15.18 -17.67
C SER A 217 -1.05 -16.43 -16.72
C SER A 217 -1.08 -16.39 -16.76
N LYS A 218 -2.14 -17.16 -16.94
CA LYS A 218 -2.35 -18.34 -16.15
C LYS A 218 -1.22 -19.35 -16.32
N ALA A 219 -0.59 -19.35 -17.50
CA ALA A 219 0.48 -20.31 -17.75
C ALA A 219 1.72 -20.00 -16.92
N SER A 220 1.80 -18.82 -16.25
CA SER A 220 3.01 -18.42 -15.54
C SER A 220 3.29 -19.29 -14.32
N THR A 221 2.25 -19.84 -13.69
CA THR A 221 2.39 -20.63 -12.47
C THR A 221 1.59 -21.91 -12.59
N PRO A 222 2.00 -23.00 -11.91
CA PRO A 222 1.25 -24.25 -12.00
C PRO A 222 -0.24 -24.11 -11.68
N ASN A 223 -0.57 -23.24 -10.73
CA ASN A 223 -1.96 -23.07 -10.32
C ASN A 223 -2.67 -21.92 -11.02
N GLY A 224 -1.99 -21.19 -11.89
CA GLY A 224 -2.58 -20.14 -12.67
C GLY A 224 -3.08 -18.97 -11.83
N TYR A 225 -2.31 -18.59 -10.78
N TYR A 225 -2.46 -18.63 -10.71
CA TYR A 225 -2.68 -17.50 -9.90
CA TYR A 225 -3.00 -17.53 -9.93
C TYR A 225 -2.56 -16.14 -10.62
C TYR A 225 -2.60 -16.20 -10.52
N ASP A 226 -3.54 -15.26 -10.41
CA ASP A 226 -3.33 -13.85 -10.74
C ASP A 226 -2.69 -13.13 -9.56
N ASN A 227 -1.47 -13.54 -9.22
CA ASN A 227 -0.79 -13.10 -8.03
C ASN A 227 0.23 -11.99 -8.26
N GLY A 228 0.10 -11.27 -9.37
CA GLY A 228 0.99 -10.14 -9.63
C GLY A 228 0.59 -8.87 -8.89
N ILE A 229 1.21 -7.77 -9.30
CA ILE A 229 0.98 -6.47 -8.69
C ILE A 229 -0.12 -5.82 -9.50
N ILE A 230 -1.37 -6.03 -9.05
CA ILE A 230 -2.52 -5.76 -9.90
C ILE A 230 -3.40 -4.63 -9.36
N TRP A 231 -4.11 -4.00 -10.29
CA TRP A 231 -5.10 -2.99 -9.94
C TRP A 231 -6.16 -3.01 -11.05
N ALA A 232 -7.21 -3.79 -10.80
CA ALA A 232 -8.05 -4.30 -11.89
C ALA A 232 -8.88 -3.22 -12.59
N THR A 233 -9.05 -2.07 -11.97
CA THR A 233 -9.74 -0.97 -12.61
C THR A 233 -8.85 -0.19 -13.56
N TRP A 234 -7.56 -0.48 -13.61
CA TRP A 234 -6.64 0.18 -14.52
C TRP A 234 -6.11 -0.76 -15.57
N LYS A 235 -5.73 -1.98 -15.18
CA LYS A 235 -5.15 -2.93 -16.10
C LYS A 235 -5.77 -4.30 -15.82
N THR A 236 -5.66 -5.21 -16.77
CA THR A 236 -6.03 -6.59 -16.56
C THR A 236 -5.36 -7.16 -15.32
N ARG A 237 -6.02 -8.15 -14.70
CA ARG A 237 -5.41 -8.97 -13.67
C ARG A 237 -4.14 -9.65 -14.12
N TRP A 238 -3.93 -9.77 -15.43
CA TRP A 238 -2.75 -10.38 -16.01
C TRP A 238 -1.71 -9.33 -16.41
N TYR A 239 -1.71 -8.20 -15.70
CA TYR A 239 -0.69 -7.19 -15.89
C TYR A 239 -0.21 -6.72 -14.54
N SER A 240 1.09 -6.80 -14.32
CA SER A 240 1.73 -6.52 -13.06
C SER A 240 2.50 -5.21 -13.19
N MET A 241 2.26 -4.28 -12.25
CA MET A 241 2.85 -2.95 -12.36
C MET A 241 4.38 -2.98 -12.28
N LYS A 242 5.00 -1.97 -12.89
N LYS A 242 4.94 -1.92 -12.89
CA LYS A 242 6.45 -1.81 -12.75
CA LYS A 242 6.36 -1.65 -12.89
C LYS A 242 6.80 -1.09 -11.45
C LYS A 242 6.78 -1.07 -11.53
N LYS A 243 6.00 -0.09 -11.06
CA LYS A 243 6.25 0.60 -9.81
C LYS A 243 4.91 0.82 -9.13
N THR A 244 4.94 0.80 -7.80
CA THR A 244 3.79 1.23 -7.00
C THR A 244 4.30 2.08 -5.87
N THR A 245 3.42 2.98 -5.41
CA THR A 245 3.67 3.77 -4.23
C THR A 245 2.35 3.85 -3.47
N MET A 246 2.39 3.61 -2.17
CA MET A 246 1.24 3.87 -1.31
C MET A 246 1.71 4.89 -0.31
N LYS A 247 1.01 6.03 -0.24
CA LYS A 247 1.48 7.15 0.57
C LYS A 247 0.29 7.88 1.16
N ILE A 248 0.50 8.52 2.30
CA ILE A 248 -0.59 9.18 3.01
C ILE A 248 -0.24 10.61 3.34
N ILE A 249 -1.29 11.44 3.42
CA ILE A 249 -1.11 12.86 3.68
C ILE A 249 -2.36 13.34 4.38
N PRO A 250 -2.29 14.35 5.26
CA PRO A 250 -3.54 14.90 5.78
C PRO A 250 -4.45 15.32 4.65
N PHE A 251 -5.73 15.03 4.83
CA PHE A 251 -6.69 15.08 3.76
C PHE A 251 -6.81 16.45 3.10
N ASN A 252 -6.69 17.50 3.93
CA ASN A 252 -6.82 18.85 3.45
C ASN A 252 -5.76 19.19 2.41
N ARG A 253 -4.65 18.44 2.34
CA ARG A 253 -3.66 18.73 1.33
C ARG A 253 -4.17 18.37 -0.06
N LEU A 254 -5.27 17.61 -0.15
CA LEU A 254 -5.94 17.36 -1.43
C LEU A 254 -6.88 18.50 -1.85
N THR A 255 -7.37 19.33 -0.93
CA THR A 255 -8.38 20.34 -1.23
C THR A 255 -7.82 21.39 -2.17
N ILE A 256 -8.46 21.57 -3.33
CA ILE A 256 -7.96 22.53 -4.30
C ILE A 256 -8.15 23.95 -3.73
C1 GOL B . 6.04 1.50 17.57
O1 GOL B . 5.36 2.05 18.69
C2 GOL B . 7.07 2.50 17.10
O2 GOL B . 7.96 2.70 18.19
C3 GOL B . 7.78 2.06 15.84
O3 GOL B . 8.38 0.78 15.99
H11 GOL B . 5.40 1.30 16.85
H12 GOL B . 6.49 0.65 17.83
HO1 GOL B . 4.64 1.62 18.80
H2 GOL B . 6.61 3.35 16.90
HO2 GOL B . 8.33 1.96 18.38
H31 GOL B . 8.48 2.72 15.60
H32 GOL B . 7.13 2.02 15.09
HO3 GOL B . 7.84 0.19 15.73
C1 GOL C . -12.39 -13.62 -9.09
O1 GOL C . -11.71 -14.61 -9.87
C2 GOL C . -13.16 -14.20 -7.94
O2 GOL C . -14.16 -15.09 -8.44
C3 GOL C . -12.31 -14.95 -6.93
O3 GOL C . -13.10 -15.46 -5.86
H11 GOL C . -13.00 -13.12 -9.68
H12 GOL C . -11.72 -12.97 -8.75
HO1 GOL C . -12.09 -14.68 -10.62
H2 GOL C . -13.60 -13.46 -7.46
HO2 GOL C . -14.80 -14.61 -8.74
H31 GOL C . -11.62 -14.34 -6.56
H32 GOL C . -11.86 -15.70 -7.38
HO3 GOL C . -12.95 -15.00 -5.16
C1 GOL D . -10.33 -18.73 -5.59
O1 GOL D . -11.12 -18.12 -6.61
C2 GOL D . -9.03 -17.98 -5.37
O2 GOL D . -8.02 -18.54 -6.22
C3 GOL D . -9.13 -16.49 -5.60
O3 GOL D . -7.88 -15.84 -5.43
H11 GOL D . -10.13 -19.66 -5.84
H12 GOL D . -10.84 -18.74 -4.75
HO1 GOL D . -10.71 -18.19 -7.34
H2 GOL D . -8.75 -18.13 -4.44
HO2 GOL D . -7.45 -18.92 -5.73
H31 GOL D . -9.78 -16.12 -4.97
H32 GOL D . -9.46 -16.33 -6.52
HO3 GOL D . -7.80 -15.61 -4.62
CA CA E . -9.07 -17.89 4.80
#